data_7NRU
#
_entry.id   7NRU
#
_cell.length_a   125.680
_cell.length_b   42.610
_cell.length_c   44.410
_cell.angle_alpha   90.000
_cell.angle_beta   100.200
_cell.angle_gamma   90.000
#
_symmetry.space_group_name_H-M   'C 1 2 1'
#
loop_
_entity.id
_entity.type
_entity.pdbx_description
1 polymer 'Factor H binding protein variant 1-2,3.x'
2 non-polymer 'SULFATE ION'
3 water water
#
_entity_poly.entity_id   1
_entity_poly.type   'polypeptide(L)'
_entity_poly.pdbx_seq_one_letter_code
;MVAADIGAGLADALTAPLDHKDKGLQSLTLDQSVRKNEKLKLAAQGAEKTYGNGDSLNTGKLKNDKVSRFDFIRQIEVDG
KLITLESGEFQVYKQSHSALTALQTEQVQDSEDSGKMVAKRQFRIGDIAGEHTSFDKLPKGGSATYRGTAFGSDDAGGKL
TYTIDFAAKQGHGKIEHLKSPELNVELATAELKADEKSHAVILGDTRYGGEEKGTYHLALFGDRAQEIAGSATVKIREKV
HEIGIAGKQLEHHHHHH
;
_entity_poly.pdbx_strand_id   A
#
loop_
_chem_comp.id
_chem_comp.type
_chem_comp.name
_chem_comp.formula
SO4 non-polymer 'SULFATE ION' 'O4 S -2'
#
# COMPACT_ATOMS: atom_id res chain seq x y z
N GLY A 7 -0.58 -17.60 -13.25
N GLY A 7 0.46 -16.54 -14.92
CA GLY A 7 -0.17 -16.50 -14.10
CA GLY A 7 1.83 -16.10 -14.74
C GLY A 7 -0.06 -15.17 -13.36
C GLY A 7 2.17 -14.79 -15.41
N ALA A 8 1.17 -14.70 -13.15
N ALA A 8 1.56 -14.54 -16.57
CA ALA A 8 1.35 -13.47 -12.37
CA ALA A 8 1.83 -13.34 -17.35
C ALA A 8 0.75 -12.27 -13.07
C ALA A 8 1.05 -12.11 -16.89
N GLY A 9 0.63 -12.27 -14.39
N GLY A 9 0.42 -12.17 -15.72
CA GLY A 9 -0.11 -11.23 -15.10
CA GLY A 9 -0.28 -11.01 -15.21
C GLY A 9 0.56 -9.88 -15.10
C GLY A 9 0.56 -9.75 -15.18
N LEU A 10 1.87 -9.85 -14.90
CA LEU A 10 2.62 -8.61 -14.75
C LEU A 10 2.74 -7.87 -16.08
N ALA A 11 3.16 -8.55 -17.13
CA ALA A 11 3.22 -7.92 -18.44
C ALA A 11 1.84 -7.45 -18.87
N ASP A 12 0.82 -8.26 -18.61
CA ASP A 12 -0.53 -7.88 -19.00
C ASP A 12 -1.00 -6.64 -18.25
N ALA A 13 -0.66 -6.51 -16.97
CA ALA A 13 -0.99 -5.29 -16.24
C ALA A 13 -0.46 -4.07 -16.96
N LEU A 14 0.74 -4.18 -17.53
CA LEU A 14 1.37 -3.06 -18.20
C LEU A 14 0.85 -2.81 -19.60
N THR A 15 0.34 -3.83 -20.31
CA THR A 15 0.12 -3.72 -21.74
C THR A 15 -1.30 -3.99 -22.22
N ALA A 16 -2.07 -4.79 -21.51
CA ALA A 16 -3.27 -5.36 -22.09
C ALA A 16 -4.51 -4.72 -21.48
N PRO A 17 -5.56 -4.49 -22.26
CA PRO A 17 -6.78 -3.90 -21.68
C PRO A 17 -7.46 -4.87 -20.72
N LEU A 18 -8.10 -4.29 -19.71
CA LEU A 18 -8.91 -5.09 -18.80
C LEU A 18 -10.10 -5.69 -19.54
N ASP A 19 -10.52 -6.85 -19.06
CA ASP A 19 -11.74 -7.50 -19.56
CA ASP A 19 -11.72 -7.51 -19.56
C ASP A 19 -12.49 -8.12 -18.39
N HIS A 20 -13.64 -8.72 -18.68
CA HIS A 20 -14.53 -9.15 -17.63
C HIS A 20 -13.98 -10.27 -16.76
N LYS A 21 -12.96 -10.97 -17.21
CA LYS A 21 -12.39 -12.05 -16.42
C LYS A 21 -11.36 -11.56 -15.41
N ASP A 22 -10.92 -10.32 -15.49
CA ASP A 22 -9.90 -9.83 -14.57
C ASP A 22 -10.52 -9.54 -13.22
N LYS A 23 -9.94 -10.11 -12.18
CA LYS A 23 -10.51 -9.99 -10.85
C LYS A 23 -10.26 -8.60 -10.25
N GLY A 24 -11.25 -8.05 -9.58
CA GLY A 24 -11.04 -6.79 -8.87
C GLY A 24 -10.02 -6.99 -7.76
N LEU A 25 -9.33 -5.94 -7.32
CA LEU A 25 -9.49 -4.54 -7.73
C LEU A 25 -9.00 -4.28 -9.16
N GLN A 26 -9.81 -3.61 -9.98
CA GLN A 26 -9.48 -3.43 -11.40
C GLN A 26 -8.28 -2.52 -11.62
N SER A 27 -8.25 -1.39 -10.96
CA SER A 27 -7.19 -0.43 -11.22
C SER A 27 -7.05 0.50 -10.02
N LEU A 28 -5.92 1.17 -9.98
CA LEU A 28 -5.70 2.22 -8.99
C LEU A 28 -4.99 3.39 -9.65
N THR A 29 -5.16 4.54 -9.03
N THR A 29 -5.20 4.57 -9.11
CA THR A 29 -4.54 5.77 -9.46
CA THR A 29 -4.50 5.75 -9.61
C THR A 29 -3.20 5.94 -8.75
C THR A 29 -3.23 6.00 -8.81
N LEU A 30 -2.16 6.20 -9.51
CA LEU A 30 -0.83 6.43 -8.95
C LEU A 30 -0.70 7.89 -8.55
N ASP A 31 -0.89 8.17 -7.29
CA ASP A 31 -0.81 9.52 -6.78
CA ASP A 31 -0.82 9.52 -6.77
C ASP A 31 0.38 9.68 -5.85
N GLN A 32 0.41 8.96 -4.75
CA GLN A 32 1.53 9.02 -3.84
C GLN A 32 2.75 8.28 -4.37
N SER A 33 2.57 7.38 -5.31
CA SER A 33 3.69 6.60 -5.82
C SER A 33 4.61 7.43 -6.68
N VAL A 34 4.15 8.53 -7.25
CA VAL A 34 4.95 9.32 -8.19
C VAL A 34 4.52 10.78 -8.08
N ARG A 35 5.48 11.67 -7.84
CA ARG A 35 5.16 13.08 -7.68
C ARG A 35 4.67 13.68 -8.97
N LYS A 36 4.05 14.84 -8.84
CA LYS A 36 3.35 15.48 -9.95
C LYS A 36 4.25 15.70 -11.14
N ASN A 37 5.54 15.99 -10.92
CA ASN A 37 6.36 16.26 -12.10
C ASN A 37 7.32 15.12 -12.41
N GLU A 38 7.06 13.94 -11.91
CA GLU A 38 7.93 12.80 -12.17
CA GLU A 38 7.94 12.82 -12.19
C GLU A 38 7.22 11.71 -12.95
N LYS A 39 8.01 10.76 -13.42
CA LYS A 39 7.46 9.58 -14.07
C LYS A 39 8.02 8.34 -13.38
N LEU A 40 7.22 7.30 -13.42
CA LEU A 40 7.59 5.98 -12.94
CA LEU A 40 7.59 5.98 -12.94
C LEU A 40 7.52 5.03 -14.13
N LYS A 41 8.66 4.47 -14.53
CA LYS A 41 8.70 3.47 -15.59
C LYS A 41 8.70 2.11 -14.90
N LEU A 42 7.65 1.32 -15.13
CA LEU A 42 7.51 -0.01 -14.55
C LEU A 42 7.81 -1.04 -15.61
N ALA A 43 8.55 -2.07 -15.25
CA ALA A 43 8.94 -3.12 -16.18
C ALA A 43 8.78 -4.46 -15.52
N ALA A 44 8.23 -5.41 -16.25
CA ALA A 44 8.18 -6.79 -15.81
C ALA A 44 7.88 -7.68 -17.00
N GLN A 45 8.45 -8.88 -16.98
CA GLN A 45 8.09 -9.94 -17.92
C GLN A 45 8.24 -9.49 -19.37
N GLY A 46 9.19 -8.61 -19.61
CA GLY A 46 9.48 -8.16 -20.96
C GLY A 46 8.67 -6.98 -21.42
N ALA A 47 7.76 -6.46 -20.62
CA ALA A 47 6.96 -5.30 -20.95
C ALA A 47 7.37 -4.12 -20.08
N GLU A 48 6.98 -2.93 -20.53
CA GLU A 48 7.27 -1.70 -19.79
C GLU A 48 6.17 -0.70 -20.06
N LYS A 49 5.86 0.11 -19.07
CA LYS A 49 4.98 1.24 -19.26
C LYS A 49 5.41 2.39 -18.35
N THR A 50 5.33 3.59 -18.88
CA THR A 50 5.64 4.82 -18.15
C THR A 50 4.36 5.42 -17.58
N TYR A 51 4.38 5.74 -16.31
CA TYR A 51 3.23 6.30 -15.61
C TYR A 51 3.59 7.67 -15.02
N GLY A 52 2.64 8.59 -15.11
CA GLY A 52 2.71 9.85 -14.42
C GLY A 52 1.70 9.89 -13.28
N ASN A 53 1.80 10.97 -12.52
CA ASN A 53 0.91 11.18 -11.41
C ASN A 53 -0.52 11.23 -11.92
N GLY A 54 -1.41 10.48 -11.28
CA GLY A 54 -2.79 10.42 -11.69
C GLY A 54 -3.11 9.32 -12.69
N ASP A 55 -2.12 8.66 -13.28
CA ASP A 55 -2.40 7.61 -14.24
C ASP A 55 -2.86 6.35 -13.52
N SER A 56 -3.61 5.52 -14.25
CA SER A 56 -4.14 4.27 -13.73
C SER A 56 -3.19 3.10 -13.98
N LEU A 57 -3.05 2.26 -12.97
CA LEU A 57 -2.33 0.99 -13.06
C LEU A 57 -3.37 -0.13 -13.01
N ASN A 58 -3.36 -1.02 -14.02
CA ASN A 58 -4.40 -2.05 -14.13
C ASN A 58 -4.07 -3.29 -13.30
N THR A 59 -4.31 -3.13 -12.00
CA THR A 59 -4.12 -4.20 -11.03
C THR A 59 -5.03 -5.41 -11.25
N GLY A 60 -6.11 -5.27 -12.00
CA GLY A 60 -6.99 -6.39 -12.26
C GLY A 60 -6.26 -7.59 -12.81
N LYS A 61 -5.17 -7.37 -13.55
CA LYS A 61 -4.39 -8.45 -14.13
C LYS A 61 -3.57 -9.24 -13.12
N LEU A 62 -3.33 -8.69 -11.93
CA LEU A 62 -2.43 -9.27 -10.95
C LEU A 62 -3.15 -10.27 -10.05
N LYS A 63 -2.37 -11.10 -9.36
CA LYS A 63 -2.92 -12.07 -8.42
C LYS A 63 -3.38 -11.40 -7.13
N ASN A 64 -4.49 -11.87 -6.59
CA ASN A 64 -5.02 -11.34 -5.35
C ASN A 64 -4.30 -11.94 -4.15
N ASP A 65 -4.19 -11.12 -3.11
CA ASP A 65 -3.73 -11.53 -1.79
C ASP A 65 -2.25 -11.92 -1.78
N LYS A 66 -1.49 -11.34 -2.68
CA LYS A 66 -0.05 -11.51 -2.67
C LYS A 66 0.58 -10.27 -3.25
N VAL A 67 1.90 -10.21 -3.08
CA VAL A 67 2.72 -9.12 -3.62
C VAL A 67 3.12 -9.45 -5.05
N SER A 68 2.87 -8.51 -5.97
CA SER A 68 3.37 -8.53 -7.32
C SER A 68 4.56 -7.57 -7.40
N ARG A 69 5.57 -7.95 -8.16
CA ARG A 69 6.81 -7.19 -8.22
C ARG A 69 7.14 -6.77 -9.64
N PHE A 70 7.54 -5.51 -9.78
CA PHE A 70 8.02 -4.93 -11.01
C PHE A 70 9.35 -4.26 -10.73
N ASP A 71 10.14 -4.03 -11.77
CA ASP A 71 11.25 -3.09 -11.66
C ASP A 71 10.74 -1.68 -11.91
N PHE A 72 11.29 -0.70 -11.21
CA PHE A 72 10.96 0.70 -11.50
C PHE A 72 12.21 1.52 -11.73
N ILE A 73 12.01 2.56 -12.55
CA ILE A 73 12.92 3.68 -12.70
C ILE A 73 12.09 4.94 -12.51
N ARG A 74 12.51 5.81 -11.60
CA ARG A 74 11.84 7.08 -11.35
C ARG A 74 12.63 8.19 -12.05
N GLN A 75 11.94 8.99 -12.86
CA GLN A 75 12.58 10.00 -13.70
C GLN A 75 11.93 11.36 -13.52
N ILE A 76 12.73 12.37 -13.87
N ILE A 76 12.72 12.40 -13.83
CA ILE A 76 12.25 13.73 -13.98
CA ILE A 76 12.26 13.78 -13.94
C ILE A 76 12.92 14.34 -15.22
C ILE A 76 12.95 14.37 -15.17
N GLU A 77 12.35 15.42 -15.74
CA GLU A 77 13.02 16.18 -16.79
C GLU A 77 13.81 17.32 -16.19
N VAL A 78 15.01 17.52 -16.72
CA VAL A 78 15.83 18.69 -16.46
C VAL A 78 16.02 19.38 -17.79
N ASP A 79 15.56 20.62 -17.85
CA ASP A 79 15.60 21.37 -19.09
C ASP A 79 14.98 20.57 -20.25
N GLY A 80 13.89 19.89 -19.95
CA GLY A 80 13.15 19.14 -20.96
C GLY A 80 13.70 17.80 -21.34
N LYS A 81 14.73 17.30 -20.67
CA LYS A 81 15.36 16.02 -21.01
C LYS A 81 15.31 15.10 -19.79
N LEU A 82 14.91 13.85 -20.00
CA LEU A 82 14.74 12.92 -18.90
C LEU A 82 16.06 12.50 -18.27
N ILE A 83 16.06 12.42 -16.94
CA ILE A 83 17.13 11.82 -16.17
C ILE A 83 16.53 10.85 -15.17
N THR A 84 17.35 9.93 -14.70
CA THR A 84 16.94 8.94 -13.71
C THR A 84 17.37 9.37 -12.31
N LEU A 85 16.41 9.39 -11.39
CA LEU A 85 16.65 9.72 -10.00
C LEU A 85 16.90 8.52 -9.13
N GLU A 86 16.23 7.40 -9.40
CA GLU A 86 16.14 6.28 -8.47
C GLU A 86 15.69 5.06 -9.25
N SER A 87 16.12 3.88 -8.79
CA SER A 87 15.59 2.65 -9.34
C SER A 87 15.45 1.63 -8.22
N GLY A 88 14.61 0.62 -8.49
CA GLY A 88 14.44 -0.46 -7.54
C GLY A 88 13.28 -1.35 -7.93
N GLU A 89 12.58 -1.86 -6.92
CA GLU A 89 11.46 -2.77 -7.11
C GLU A 89 10.19 -2.09 -6.66
N PHE A 90 9.16 -2.16 -7.49
CA PHE A 90 7.83 -1.65 -7.19
C PHE A 90 6.93 -2.81 -6.86
N GLN A 91 6.26 -2.73 -5.71
CA GLN A 91 5.44 -3.82 -5.19
C GLN A 91 3.99 -3.40 -5.17
N VAL A 92 3.10 -4.33 -5.48
CA VAL A 92 1.67 -4.14 -5.39
C VAL A 92 1.08 -5.27 -4.58
N TYR A 93 0.31 -4.95 -3.55
CA TYR A 93 -0.45 -5.93 -2.80
C TYR A 93 -1.92 -5.69 -3.13
N LYS A 94 -2.56 -6.68 -3.75
CA LYS A 94 -3.89 -6.50 -4.33
C LYS A 94 -4.93 -7.27 -3.52
N GLN A 95 -6.03 -6.59 -3.19
CA GLN A 95 -7.22 -7.24 -2.66
C GLN A 95 -8.38 -6.97 -3.64
N SER A 96 -9.60 -7.32 -3.25
CA SER A 96 -10.73 -7.27 -4.17
C SER A 96 -11.30 -5.87 -4.33
N HIS A 97 -11.15 -5.03 -3.32
CA HIS A 97 -11.68 -3.67 -3.33
C HIS A 97 -10.64 -2.65 -2.92
N SER A 98 -9.37 -3.06 -2.82
CA SER A 98 -8.34 -2.21 -2.26
C SER A 98 -7.00 -2.76 -2.75
N ALA A 99 -5.98 -1.91 -2.70
CA ALA A 99 -4.63 -2.32 -3.01
C ALA A 99 -3.67 -1.31 -2.42
N LEU A 100 -2.43 -1.75 -2.27
CA LEU A 100 -1.33 -0.93 -1.81
C LEU A 100 -0.18 -1.03 -2.81
N THR A 101 0.58 0.04 -2.93
CA THR A 101 1.86 0.00 -3.63
C THR A 101 2.99 0.32 -2.66
N ALA A 102 4.20 -0.10 -3.02
CA ALA A 102 5.38 0.20 -2.23
C ALA A 102 6.57 0.27 -3.17
N LEU A 103 7.59 1.00 -2.75
CA LEU A 103 8.81 1.17 -3.53
C LEU A 103 9.99 0.74 -2.66
N GLN A 104 10.71 -0.26 -3.13
CA GLN A 104 11.97 -0.69 -2.54
C GLN A 104 13.09 -0.09 -3.38
N THR A 105 13.69 0.97 -2.87
CA THR A 105 14.82 1.58 -3.55
C THR A 105 15.99 0.63 -3.53
N GLU A 106 16.71 0.59 -4.62
CA GLU A 106 18.01 -0.08 -4.70
C GLU A 106 19.14 0.86 -5.11
N GLN A 107 18.88 1.82 -5.98
CA GLN A 107 19.90 2.74 -6.46
C GLN A 107 19.31 4.14 -6.46
N VAL A 108 20.16 5.14 -6.13
CA VAL A 108 19.78 6.56 -6.17
C VAL A 108 20.91 7.40 -6.74
N GLN A 109 20.54 8.57 -7.22
CA GLN A 109 21.51 9.61 -7.54
C GLN A 109 22.36 9.95 -6.32
N ASP A 110 23.65 10.13 -6.57
CA ASP A 110 24.65 10.36 -5.54
C ASP A 110 24.72 11.83 -5.14
N SER A 111 25.22 12.04 -3.93
CA SER A 111 25.40 13.37 -3.35
C SER A 111 24.03 13.96 -3.04
N MET A 117 25.12 6.76 -9.87
CA MET A 117 24.12 6.09 -9.03
C MET A 117 24.78 5.22 -7.97
N VAL A 118 24.28 5.30 -6.74
CA VAL A 118 24.86 4.54 -5.64
C VAL A 118 23.77 3.69 -5.01
N ALA A 119 24.21 2.59 -4.40
CA ALA A 119 23.29 1.68 -3.74
C ALA A 119 22.87 2.31 -2.43
N LYS A 120 21.58 2.55 -2.29
CA LYS A 120 20.97 2.89 -1.04
C LYS A 120 19.68 2.09 -1.07
N ARG A 121 19.40 1.41 0.02
CA ARG A 121 18.20 0.61 0.14
C ARG A 121 17.30 1.31 1.12
N GLN A 122 16.06 1.56 0.70
CA GLN A 122 15.03 2.10 1.55
C GLN A 122 13.71 1.59 1.03
N PHE A 123 12.68 1.70 1.86
CA PHE A 123 11.39 1.14 1.50
C PHE A 123 10.32 2.11 1.93
N ARG A 124 9.35 2.38 1.06
CA ARG A 124 8.25 3.27 1.41
C ARG A 124 6.97 2.74 0.83
N ILE A 125 5.88 3.01 1.54
CA ILE A 125 4.55 2.75 0.97
C ILE A 125 4.18 3.91 0.06
N GLY A 126 3.61 3.57 -1.08
CA GLY A 126 3.13 4.53 -2.05
C GLY A 126 1.68 4.79 -1.85
N ASP A 127 0.86 4.23 -2.71
CA ASP A 127 -0.57 4.48 -2.69
C ASP A 127 -1.35 3.51 -1.82
N ILE A 128 -2.37 4.04 -1.16
CA ILE A 128 -3.39 3.30 -0.45
C ILE A 128 -4.65 3.55 -1.27
N ALA A 129 -5.13 2.54 -2.00
CA ALA A 129 -6.10 2.79 -3.05
C ALA A 129 -7.25 1.80 -3.00
N GLY A 130 -8.38 2.21 -3.58
CA GLY A 130 -9.47 1.29 -3.79
C GLY A 130 -10.82 1.97 -3.78
N GLU A 131 -11.83 1.12 -3.63
CA GLU A 131 -13.24 1.52 -3.59
C GLU A 131 -13.58 1.85 -2.15
N HIS A 132 -13.28 3.08 -1.77
CA HIS A 132 -13.42 3.50 -0.38
C HIS A 132 -14.84 3.33 0.12
N THR A 133 -14.98 2.92 1.38
CA THR A 133 -16.27 2.90 2.05
C THR A 133 -16.65 4.31 2.49
N SER A 134 -17.84 4.75 2.12
CA SER A 134 -18.31 6.05 2.59
CA SER A 134 -18.31 6.04 2.58
C SER A 134 -18.60 5.98 4.07
N PHE A 135 -18.23 7.04 4.78
CA PHE A 135 -18.44 7.08 6.22
C PHE A 135 -19.91 6.83 6.59
N ASP A 136 -20.84 7.40 5.82
CA ASP A 136 -22.25 7.25 6.16
C ASP A 136 -22.77 5.84 5.89
N LYS A 137 -22.08 5.08 5.06
CA LYS A 137 -22.47 3.71 4.75
C LYS A 137 -21.80 2.70 5.69
N LEU A 138 -21.08 3.17 6.71
CA LEU A 138 -20.53 2.26 7.68
C LEU A 138 -21.65 1.54 8.43
N PRO A 139 -21.45 0.30 8.85
CA PRO A 139 -22.37 -0.32 9.80
C PRO A 139 -22.55 0.57 11.02
N LYS A 140 -23.80 0.71 11.47
CA LYS A 140 -24.08 1.60 12.58
C LYS A 140 -23.78 0.97 13.93
N GLY A 141 -23.53 -0.34 13.97
CA GLY A 141 -23.18 -1.01 15.21
C GLY A 141 -22.45 -2.30 14.93
N GLY A 142 -22.23 -3.07 16.00
CA GLY A 142 -21.49 -4.30 15.90
C GLY A 142 -20.02 -4.03 15.67
N SER A 143 -19.30 -5.13 15.46
CA SER A 143 -17.87 -5.08 15.26
C SER A 143 -17.52 -6.00 14.11
N ALA A 144 -16.37 -5.75 13.53
CA ALA A 144 -15.81 -6.63 12.51
C ALA A 144 -14.35 -6.84 12.80
N THR A 145 -13.88 -8.06 12.55
CA THR A 145 -12.47 -8.39 12.66
CA THR A 145 -12.47 -8.39 12.66
C THR A 145 -11.91 -8.69 11.28
N TYR A 146 -10.71 -8.22 11.05
CA TYR A 146 -10.06 -8.32 9.76
C TYR A 146 -8.76 -9.08 9.94
N ARG A 147 -8.40 -9.86 8.93
CA ARG A 147 -7.13 -10.56 8.92
C ARG A 147 -6.49 -10.37 7.56
N GLY A 148 -5.18 -10.22 7.53
CA GLY A 148 -4.48 -10.13 6.27
C GLY A 148 -2.99 -10.07 6.45
N THR A 149 -2.35 -9.30 5.60
CA THR A 149 -0.90 -9.30 5.46
C THR A 149 -0.31 -7.99 5.94
N ALA A 150 0.88 -8.10 6.51
CA ALA A 150 1.77 -6.98 6.77
C ALA A 150 3.06 -7.26 6.02
N PHE A 151 3.55 -6.25 5.29
CA PHE A 151 4.76 -6.43 4.51
C PHE A 151 5.66 -5.21 4.64
N GLY A 152 6.94 -5.46 4.80
CA GLY A 152 7.94 -4.41 4.83
C GLY A 152 9.08 -4.78 3.93
N SER A 153 10.17 -4.02 4.01
CA SER A 153 11.34 -4.32 3.18
C SER A 153 11.75 -5.76 3.35
N ASP A 154 11.87 -6.46 2.22
CA ASP A 154 12.35 -7.84 2.17
C ASP A 154 11.53 -8.81 3.00
N ASP A 155 10.26 -8.53 3.30
CA ASP A 155 9.50 -9.40 4.18
C ASP A 155 8.01 -9.21 3.92
N ALA A 156 7.40 -10.12 3.17
CA ALA A 156 5.97 -10.11 2.92
C ALA A 156 5.24 -11.17 3.72
N GLY A 157 5.86 -11.64 4.81
CA GLY A 157 5.30 -12.70 5.61
C GLY A 157 4.56 -12.28 6.87
N GLY A 158 4.38 -11.00 7.11
CA GLY A 158 3.70 -10.58 8.31
C GLY A 158 2.20 -10.75 8.24
N LYS A 159 1.59 -10.67 9.41
CA LYS A 159 0.16 -10.88 9.58
C LYS A 159 -0.47 -9.66 10.24
N LEU A 160 -1.57 -9.18 9.67
CA LEU A 160 -2.37 -8.14 10.26
C LEU A 160 -3.61 -8.76 10.90
N THR A 161 -3.90 -8.31 12.10
CA THR A 161 -5.20 -8.53 12.72
CA THR A 161 -5.21 -8.53 12.72
C THR A 161 -5.72 -7.18 13.17
N TYR A 162 -7.01 -6.91 12.94
CA TYR A 162 -7.53 -5.61 13.29
C TYR A 162 -9.03 -5.74 13.54
N THR A 163 -9.52 -5.02 14.53
CA THR A 163 -10.94 -5.07 14.89
C THR A 163 -11.48 -3.66 14.94
N ILE A 164 -12.62 -3.45 14.30
CA ILE A 164 -13.33 -2.18 14.34
C ILE A 164 -14.63 -2.38 15.10
N ASP A 165 -14.85 -1.53 16.09
CA ASP A 165 -16.11 -1.43 16.81
C ASP A 165 -16.87 -0.28 16.16
N PHE A 166 -17.85 -0.61 15.32
CA PHE A 166 -18.61 0.43 14.61
C PHE A 166 -19.47 1.28 15.54
N ALA A 167 -19.96 0.71 16.64
CA ALA A 167 -20.76 1.49 17.57
C ALA A 167 -19.89 2.54 18.26
N ALA A 168 -18.70 2.15 18.69
CA ALA A 168 -17.78 3.06 19.37
C ALA A 168 -16.98 3.92 18.40
N LYS A 169 -16.98 3.58 17.11
CA LYS A 169 -16.16 4.25 16.10
C LYS A 169 -14.70 4.22 16.52
N GLN A 170 -14.22 3.02 16.84
CA GLN A 170 -12.83 2.85 17.24
C GLN A 170 -12.32 1.56 16.64
N GLY A 171 -11.04 1.54 16.34
CA GLY A 171 -10.40 0.32 15.91
C GLY A 171 -9.09 0.12 16.63
N HIS A 172 -8.62 -1.13 16.61
CA HIS A 172 -7.31 -1.45 17.15
C HIS A 172 -6.88 -2.80 16.58
N GLY A 173 -5.58 -3.07 16.64
CA GLY A 173 -5.12 -4.36 16.17
C GLY A 173 -3.63 -4.52 16.38
N LYS A 174 -3.02 -5.38 15.57
CA LYS A 174 -1.62 -5.71 15.79
C LYS A 174 -1.02 -6.25 14.50
N ILE A 175 0.30 -6.16 14.45
CA ILE A 175 1.12 -6.79 13.42
C ILE A 175 1.93 -7.89 14.08
N GLU A 176 1.96 -9.06 13.46
CA GLU A 176 2.70 -10.21 13.95
C GLU A 176 3.53 -10.82 12.84
N HIS A 177 4.54 -11.56 13.25
CA HIS A 177 5.26 -12.49 12.39
C HIS A 177 6.22 -11.85 11.40
N LEU A 178 6.41 -10.54 11.42
CA LEU A 178 7.51 -9.98 10.65
C LEU A 178 8.81 -10.45 11.28
N LYS A 179 9.84 -10.64 10.42
CA LYS A 179 11.10 -11.18 10.90
C LYS A 179 11.85 -10.23 11.81
N SER A 180 11.76 -8.94 11.58
CA SER A 180 12.36 -7.97 12.49
CA SER A 180 12.37 -7.99 12.50
C SER A 180 11.42 -7.80 13.67
N PRO A 181 11.79 -8.24 14.90
CA PRO A 181 10.77 -8.36 15.95
C PRO A 181 10.15 -7.05 16.38
N GLU A 182 10.90 -5.95 16.30
CA GLU A 182 10.40 -4.64 16.72
C GLU A 182 9.24 -4.20 15.84
N LEU A 183 9.10 -4.76 14.64
CA LEU A 183 8.03 -4.35 13.75
C LEU A 183 6.69 -4.93 14.14
N ASN A 184 6.66 -5.91 15.05
CA ASN A 184 5.42 -6.56 15.46
C ASN A 184 4.74 -5.76 16.55
N VAL A 185 4.21 -4.62 16.13
CA VAL A 185 3.66 -3.58 16.99
C VAL A 185 2.16 -3.74 17.21
N GLU A 186 1.71 -3.08 18.27
CA GLU A 186 0.31 -2.76 18.46
C GLU A 186 -0.11 -1.61 17.56
N LEU A 187 -1.27 -1.75 16.93
CA LEU A 187 -1.97 -0.67 16.22
C LEU A 187 -2.98 -0.16 17.25
N ALA A 188 -2.59 0.87 17.97
CA ALA A 188 -3.29 1.27 19.17
C ALA A 188 -4.67 1.83 18.82
N THR A 189 -5.55 1.78 19.81
CA THR A 189 -6.92 2.22 19.63
C THR A 189 -6.97 3.62 19.03
N ALA A 190 -7.82 3.80 18.04
CA ALA A 190 -7.90 5.07 17.35
C ALA A 190 -9.30 5.24 16.78
N GLU A 191 -9.62 6.48 16.45
CA GLU A 191 -10.96 6.86 16.08
C GLU A 191 -11.22 6.59 14.60
N LEU A 192 -12.39 6.04 14.32
CA LEU A 192 -12.90 5.86 12.97
C LEU A 192 -13.63 7.15 12.58
N LYS A 193 -13.13 7.84 11.57
CA LYS A 193 -13.61 9.16 11.21
C LYS A 193 -13.73 9.26 9.69
N ALA A 194 -14.33 10.35 9.26
CA ALA A 194 -14.45 10.66 7.84
C ALA A 194 -13.27 11.50 7.38
N ASP A 195 -12.73 11.17 6.19
CA ASP A 195 -11.64 11.94 5.62
C ASP A 195 -12.19 13.06 4.72
N GLU A 196 -11.31 13.72 3.96
CA GLU A 196 -11.77 14.85 3.17
C GLU A 196 -12.73 14.46 2.04
N LYS A 197 -12.84 13.16 1.72
CA LYS A 197 -13.77 12.67 0.70
C LYS A 197 -14.97 11.95 1.33
N SER A 198 -15.17 12.11 2.64
CA SER A 198 -16.23 11.42 3.38
C SER A 198 -16.05 9.93 3.33
N HIS A 199 -14.80 9.48 3.22
CA HIS A 199 -14.45 8.07 3.27
C HIS A 199 -13.97 7.73 4.68
N ALA A 200 -14.23 6.50 5.07
CA ALA A 200 -13.93 6.06 6.43
C ALA A 200 -12.45 5.73 6.59
N VAL A 201 -11.80 6.36 7.58
CA VAL A 201 -10.37 6.17 7.84
C VAL A 201 -10.10 6.13 9.33
N ILE A 202 -8.96 5.54 9.69
CA ILE A 202 -8.45 5.49 11.06
C ILE A 202 -7.00 5.89 11.02
N LEU A 203 -6.65 6.91 11.79
CA LEU A 203 -5.28 7.37 11.98
C LEU A 203 -4.92 7.19 13.44
N GLY A 204 -3.90 6.39 13.72
CA GLY A 204 -3.51 6.10 15.08
C GLY A 204 -2.03 6.01 15.26
N ASP A 205 -1.63 5.56 16.43
CA ASP A 205 -0.24 5.37 16.80
C ASP A 205 0.13 3.89 16.73
N THR A 206 1.35 3.61 16.30
CA THR A 206 1.94 2.30 16.56
C THR A 206 2.61 2.36 17.93
N ARG A 207 2.51 1.26 18.66
CA ARG A 207 3.07 1.20 20.00
C ARG A 207 3.75 -0.14 20.22
N TYR A 208 4.79 -0.13 21.05
CA TYR A 208 5.44 -1.35 21.47
C TYR A 208 5.70 -1.18 22.95
N GLY A 209 5.15 -2.09 23.74
CA GLY A 209 5.09 -1.87 25.16
C GLY A 209 4.43 -0.57 25.56
N GLY A 210 3.36 -0.17 24.87
CA GLY A 210 2.67 1.06 25.19
C GLY A 210 3.36 2.35 24.78
N GLU A 211 4.61 2.30 24.31
CA GLU A 211 5.33 3.51 23.92
C GLU A 211 5.16 3.71 22.42
N GLU A 212 4.92 4.94 22.01
CA GLU A 212 4.73 5.22 20.59
C GLU A 212 6.00 4.96 19.79
N LYS A 213 5.83 4.35 18.63
CA LYS A 213 6.94 4.07 17.73
C LYS A 213 6.74 4.67 16.35
N GLY A 214 5.62 5.33 16.13
CA GLY A 214 5.21 5.75 14.80
C GLY A 214 3.70 5.90 14.75
N THR A 215 3.19 5.90 13.52
CA THR A 215 1.76 6.06 13.31
C THR A 215 1.28 5.04 12.28
N TYR A 216 -0.03 4.90 12.18
CA TYR A 216 -0.63 4.07 11.16
C TYR A 216 -1.83 4.78 10.59
N HIS A 217 -2.14 4.42 9.35
CA HIS A 217 -3.23 5.00 8.57
C HIS A 217 -3.94 3.83 7.92
N LEU A 218 -5.20 3.60 8.28
CA LEU A 218 -6.01 2.55 7.64
C LEU A 218 -7.24 3.17 7.01
N ALA A 219 -7.55 2.75 5.80
CA ALA A 219 -8.79 3.14 5.16
C ALA A 219 -9.65 1.90 4.98
N LEU A 220 -10.96 2.10 5.01
CA LEU A 220 -11.93 1.03 4.85
C LEU A 220 -12.42 1.00 3.40
N PHE A 221 -12.59 -0.20 2.86
CA PHE A 221 -12.93 -0.37 1.46
C PHE A 221 -14.06 -1.37 1.30
N GLY A 222 -14.77 -1.24 0.18
CA GLY A 222 -15.94 -2.05 -0.10
C GLY A 222 -17.21 -1.33 0.32
N ASP A 223 -18.34 -1.79 -0.20
CA ASP A 223 -19.60 -1.10 0.09
C ASP A 223 -19.95 -1.15 1.56
N ARG A 224 -19.42 -2.10 2.32
CA ARG A 224 -19.71 -2.17 3.76
C ARG A 224 -18.45 -2.49 4.54
N ALA A 225 -17.33 -1.94 4.13
CA ALA A 225 -16.12 -2.04 4.91
C ALA A 225 -15.65 -3.50 5.01
N GLN A 226 -15.79 -4.22 3.91
CA GLN A 226 -15.30 -5.59 3.83
C GLN A 226 -13.78 -5.69 3.92
N GLU A 227 -13.06 -4.63 3.59
CA GLU A 227 -11.61 -4.66 3.53
C GLU A 227 -11.05 -3.43 4.22
N ILE A 228 -9.80 -3.57 4.67
CA ILE A 228 -9.01 -2.45 5.16
C ILE A 228 -7.66 -2.50 4.47
N ALA A 229 -7.06 -1.34 4.28
CA ALA A 229 -5.70 -1.25 3.74
C ALA A 229 -5.08 0.06 4.18
N GLY A 230 -3.76 0.04 4.32
CA GLY A 230 -3.03 1.23 4.74
C GLY A 230 -1.59 0.95 5.03
N SER A 231 -1.03 1.75 5.94
CA SER A 231 0.39 1.72 6.23
C SER A 231 0.61 1.96 7.70
N ALA A 232 1.80 1.57 8.15
CA ALA A 232 2.25 1.80 9.51
C ALA A 232 3.73 2.13 9.48
N THR A 233 4.20 2.87 10.46
CA THR A 233 5.62 3.13 10.61
C THR A 233 6.09 2.74 12.00
N VAL A 234 7.32 2.24 12.05
CA VAL A 234 7.94 1.85 13.31
C VAL A 234 9.39 2.31 13.26
N LYS A 235 9.81 3.10 14.24
CA LYS A 235 11.15 3.68 14.26
C LYS A 235 12.06 2.86 15.16
N ILE A 236 13.17 2.41 14.61
CA ILE A 236 14.17 1.61 15.32
C ILE A 236 15.43 2.46 15.31
N ARG A 237 15.86 2.91 16.47
CA ARG A 237 16.90 3.95 16.61
CA ARG A 237 16.90 3.95 16.60
CA ARG A 237 16.89 3.94 16.62
C ARG A 237 16.38 5.18 15.87
N GLU A 238 17.04 5.68 14.88
CA GLU A 238 16.45 6.80 14.15
C GLU A 238 15.79 6.38 12.85
N LYS A 239 15.78 5.09 12.51
CA LYS A 239 15.39 4.64 11.20
C LYS A 239 13.92 4.25 11.19
N VAL A 240 13.15 4.88 10.32
CA VAL A 240 11.73 4.59 10.19
C VAL A 240 11.52 3.46 9.19
N HIS A 241 10.89 2.39 9.65
CA HIS A 241 10.49 1.26 8.82
C HIS A 241 9.02 1.39 8.48
N GLU A 242 8.73 1.44 7.20
CA GLU A 242 7.37 1.51 6.73
C GLU A 242 6.84 0.10 6.43
N ILE A 243 5.57 -0.11 6.72
CA ILE A 243 4.93 -1.41 6.61
C ILE A 243 3.58 -1.23 5.91
N GLY A 244 3.34 -2.03 4.88
CA GLY A 244 2.03 -2.08 4.27
C GLY A 244 1.16 -3.07 5.02
N ILE A 245 -0.10 -2.69 5.24
CA ILE A 245 -1.03 -3.54 5.98
C ILE A 245 -2.36 -3.60 5.24
N ALA A 246 -2.86 -4.81 4.99
CA ALA A 246 -4.13 -4.93 4.29
C ALA A 246 -4.81 -6.22 4.71
N GLY A 247 -6.12 -6.16 4.88
CA GLY A 247 -6.83 -7.37 5.26
C GLY A 247 -8.28 -7.31 4.89
N LYS A 248 -8.98 -8.40 5.24
CA LYS A 248 -10.34 -8.68 4.81
C LYS A 248 -11.12 -9.18 6.00
N GLN A 249 -12.42 -8.84 6.03
CA GLN A 249 -13.26 -9.22 7.16
C GLN A 249 -13.36 -10.73 7.26
N LEU A 250 -13.38 -11.23 8.49
CA LEU A 250 -13.57 -12.66 8.74
C LEU A 250 -15.05 -13.06 8.67
S SO4 B . -15.16 -7.29 -22.10
O1 SO4 B . -15.14 -8.39 -21.16
O2 SO4 B . -14.26 -6.22 -21.61
O3 SO4 B . -16.52 -6.75 -22.18
O4 SO4 B . -14.83 -7.76 -23.43
S SO4 C . 11.67 12.79 -2.32
O1 SO4 C . 10.73 12.15 -1.37
O2 SO4 C . 12.73 13.49 -1.56
O3 SO4 C . 10.94 13.78 -3.15
O4 SO4 C . 12.28 11.76 -3.19
#